data_6TSY
#
_entry.id   6TSY
#
_cell.length_a   106.019
_cell.length_b   109.905
_cell.length_c   55.402
_cell.angle_alpha   90.00
_cell.angle_beta   100.89
_cell.angle_gamma   90.00
#
_symmetry.space_group_name_H-M   'C 1 2 1'
#
loop_
_entity.id
_entity.type
_entity.pdbx_description
1 polymer 'Cytochrome c6'
2 non-polymer 'HEME C'
3 non-polymer 'SULFATE ION'
4 water water
#
_entity_poly.entity_id   1
_entity_poly.type   'polypeptide(L)'
_entity_poly.pdbx_seq_one_letter_code
;ADLANGAKVFSGNCAACHMGGGNVVMANKTLKKEALEQFGMYSEDAIIYQVQHGKNAMPAFAGRLTDEQIQDVAAYVLDQ
AAKGWAG
;
_entity_poly.pdbx_strand_id   A,B,C,D,E,F
#
loop_
_chem_comp.id
_chem_comp.type
_chem_comp.name
_chem_comp.formula
HEC non-polymer 'HEME C' 'C34 H34 Fe N4 O4'
SO4 non-polymer 'SULFATE ION' 'O4 S -2'
#
# COMPACT_ATOMS: atom_id res chain seq x y z
N ALA A 1 -20.87 -22.69 11.97
CA ALA A 1 -20.82 -22.15 13.37
C ALA A 1 -22.14 -21.50 13.76
N ASP A 2 -22.08 -20.74 14.84
CA ASP A 2 -23.24 -19.99 15.36
C ASP A 2 -23.30 -18.68 14.59
N LEU A 3 -24.18 -18.59 13.58
CA LEU A 3 -24.34 -17.31 12.89
C LEU A 3 -25.14 -16.27 13.69
N ALA A 4 -25.99 -16.68 14.66
CA ALA A 4 -26.62 -15.66 15.48
C ALA A 4 -25.61 -14.98 16.40
N ASN A 5 -24.61 -15.72 16.86
CA ASN A 5 -23.58 -15.11 17.70
C ASN A 5 -22.60 -14.31 16.86
N GLY A 6 -22.30 -14.75 15.64
CA GLY A 6 -21.42 -13.97 14.79
C GLY A 6 -21.99 -12.60 14.43
N ALA A 7 -23.30 -12.56 14.12
CA ALA A 7 -23.94 -11.30 13.77
C ALA A 7 -23.91 -10.32 14.91
N LYS A 8 -23.88 -10.82 16.14
CA LYS A 8 -23.94 -10.00 17.32
C LYS A 8 -22.55 -9.51 17.72
N VAL A 9 -21.57 -10.40 17.62
CA VAL A 9 -20.17 -9.99 17.72
C VAL A 9 -19.92 -8.90 16.70
N PHE A 10 -20.38 -9.12 15.47
CA PHE A 10 -20.09 -8.20 14.36
C PHE A 10 -20.74 -6.83 14.57
N SER A 11 -22.01 -6.80 14.99
CA SER A 11 -22.68 -5.53 15.27
C SER A 11 -21.99 -4.81 16.40
N GLY A 12 -21.33 -5.55 17.30
CA GLY A 12 -20.66 -4.97 18.45
C GLY A 12 -19.20 -4.56 18.28
N ASN A 13 -18.52 -5.08 17.26
CA ASN A 13 -17.07 -4.90 17.20
C ASN A 13 -16.54 -4.57 15.81
N CYS A 14 -17.32 -4.76 14.77
CA CYS A 14 -16.92 -4.66 13.38
C CYS A 14 -17.69 -3.62 12.57
N ALA A 15 -18.91 -3.31 12.96
CA ALA A 15 -19.78 -2.52 12.11
C ALA A 15 -19.43 -1.04 12.09
N ALA A 16 -18.73 -0.55 13.10
CA ALA A 16 -18.21 0.81 13.04
C ALA A 16 -17.48 1.08 11.73
N CYS A 17 -16.80 0.07 11.19
CA CYS A 17 -15.99 0.28 10.01
C CYS A 17 -16.45 -0.49 8.80
N HIS A 18 -17.17 -1.61 8.99
CA HIS A 18 -17.51 -2.50 7.90
C HIS A 18 -19.00 -2.61 7.67
N MET A 19 -19.80 -1.67 8.16
CA MET A 19 -21.23 -1.79 7.98
C MET A 19 -21.54 -2.13 6.51
N GLY A 20 -22.44 -3.09 6.33
CA GLY A 20 -22.84 -3.51 5.00
C GLY A 20 -21.79 -4.25 4.23
N GLY A 21 -20.70 -4.62 4.88
CA GLY A 21 -19.66 -5.32 4.18
C GLY A 21 -18.67 -4.43 3.46
N GLY A 22 -18.66 -3.13 3.75
CA GLY A 22 -17.72 -2.23 3.07
C GLY A 22 -16.49 -1.99 3.94
N ASN A 23 -15.95 -0.78 3.87
CA ASN A 23 -14.78 -0.46 4.68
C ASN A 23 -14.57 1.02 4.55
N VAL A 24 -14.91 1.75 5.61
CA VAL A 24 -14.83 3.22 5.57
C VAL A 24 -13.42 3.72 5.80
N VAL A 25 -12.49 2.84 6.17
CA VAL A 25 -11.12 3.22 6.49
C VAL A 25 -10.18 2.98 5.31
N MET A 26 -10.34 1.84 4.65
CA MET A 26 -9.60 1.48 3.45
C MET A 26 -10.61 0.87 2.48
N ALA A 27 -11.03 1.68 1.50
CA ALA A 27 -12.23 1.40 0.73
C ALA A 27 -12.10 0.20 -0.19
N ASN A 28 -10.90 -0.19 -0.56
CA ASN A 28 -10.76 -1.40 -1.35
C ASN A 28 -10.69 -2.68 -0.53
N LYS A 29 -10.42 -2.61 0.78
CA LYS A 29 -10.34 -3.82 1.61
C LYS A 29 -11.70 -4.17 2.22
N THR A 30 -12.68 -4.47 1.36
CA THR A 30 -14.03 -4.66 1.82
C THR A 30 -14.26 -6.10 2.28
N LEU A 31 -15.46 -6.40 2.78
CA LEU A 31 -15.78 -7.79 3.15
C LEU A 31 -16.62 -8.50 2.08
N LYS A 32 -16.61 -8.01 0.84
CA LYS A 32 -17.29 -8.75 -0.21
C LYS A 32 -16.41 -9.88 -0.75
N LYS A 33 -17.07 -10.84 -1.38
CA LYS A 33 -16.43 -12.10 -1.76
C LYS A 33 -15.25 -11.86 -2.70
N GLU A 34 -15.51 -11.18 -3.81
CA GLU A 34 -14.45 -10.92 -4.79
C GLU A 34 -13.28 -10.20 -4.16
N ALA A 35 -13.53 -9.27 -3.26
CA ALA A 35 -12.43 -8.55 -2.61
C ALA A 35 -11.62 -9.49 -1.72
N LEU A 36 -12.28 -10.25 -0.85
CA LEU A 36 -11.56 -11.20 -0.02
C LEU A 36 -10.73 -12.15 -0.87
N GLU A 37 -11.31 -12.62 -1.98
CA GLU A 37 -10.62 -13.59 -2.82
C GLU A 37 -9.40 -12.97 -3.49
N GLN A 38 -9.45 -11.67 -3.80
CA GLN A 38 -8.29 -11.07 -4.44
C GLN A 38 -7.10 -11.11 -3.52
N PHE A 39 -7.34 -11.04 -2.22
CA PHE A 39 -6.29 -10.88 -1.22
C PHE A 39 -5.97 -12.16 -0.48
N GLY A 40 -6.48 -13.30 -0.93
CA GLY A 40 -6.32 -14.53 -0.16
C GLY A 40 -6.99 -14.62 1.21
N MET A 41 -8.13 -13.96 1.40
CA MET A 41 -8.75 -13.91 2.72
C MET A 41 -10.12 -14.58 2.78
N TYR A 42 -10.54 -15.26 1.71
CA TYR A 42 -11.87 -15.90 1.65
C TYR A 42 -11.78 -17.30 2.25
N SER A 43 -11.41 -17.31 3.53
CA SER A 43 -11.25 -18.56 4.26
C SER A 43 -11.46 -18.27 5.73
N GLU A 44 -12.05 -19.25 6.41
CA GLU A 44 -12.27 -19.13 7.85
C GLU A 44 -10.96 -18.81 8.57
N ASP A 45 -9.88 -19.51 8.24
CA ASP A 45 -8.68 -19.26 9.04
C ASP A 45 -8.00 -17.93 8.72
N ALA A 46 -8.06 -17.46 7.46
CA ALA A 46 -7.50 -16.14 7.18
C ALA A 46 -8.23 -15.08 7.99
N ILE A 47 -9.56 -15.14 8.04
CA ILE A 47 -10.27 -14.08 8.76
C ILE A 47 -9.96 -14.17 10.26
N ILE A 48 -9.94 -15.38 10.82
CA ILE A 48 -9.61 -15.51 12.23
C ILE A 48 -8.23 -14.90 12.54
N TYR A 49 -7.21 -15.26 11.74
CA TYR A 49 -5.86 -14.71 11.99
C TYR A 49 -5.89 -13.18 11.99
N GLN A 50 -6.53 -12.56 11.00
CA GLN A 50 -6.56 -11.11 10.95
C GLN A 50 -7.42 -10.51 12.07
N VAL A 51 -8.55 -11.14 12.42
CA VAL A 51 -9.33 -10.61 13.56
C VAL A 51 -8.48 -10.64 14.83
N GLN A 52 -7.65 -11.70 15.01
CA GLN A 52 -6.89 -11.85 16.25
C GLN A 52 -5.72 -10.88 16.33
N HIS A 53 -5.02 -10.67 15.23
CA HIS A 53 -3.72 -10.01 15.24
C HIS A 53 -3.78 -8.57 14.79
N GLY A 54 -4.85 -8.22 14.08
CA GLY A 54 -5.00 -6.90 13.52
C GLY A 54 -4.24 -6.79 12.23
N LYS A 55 -4.40 -5.66 11.57
CA LYS A 55 -3.54 -5.42 10.43
C LYS A 55 -3.62 -3.94 10.09
N ASN A 56 -2.47 -3.25 10.17
CA ASN A 56 -2.42 -1.82 9.90
C ASN A 56 -3.49 -1.15 10.74
N ALA A 57 -4.52 -0.58 10.12
CA ALA A 57 -5.54 0.15 10.86
C ALA A 57 -6.71 -0.72 11.32
N MET A 58 -6.71 -2.01 10.99
CA MET A 58 -7.68 -2.88 11.64
C MET A 58 -7.19 -3.25 13.01
N PRO A 59 -7.88 -2.92 14.12
CA PRO A 59 -7.45 -3.30 15.45
C PRO A 59 -7.33 -4.81 15.65
N ALA A 60 -6.47 -5.20 16.59
CA ALA A 60 -6.46 -6.58 17.09
C ALA A 60 -7.56 -6.84 18.12
N PHE A 61 -8.19 -8.01 18.04
CA PHE A 61 -9.20 -8.44 18.98
C PHE A 61 -8.78 -9.65 19.81
N ALA A 62 -7.58 -10.20 19.60
CA ALA A 62 -7.07 -11.19 20.54
C ALA A 62 -7.16 -10.63 21.96
N GLY A 63 -7.76 -11.40 22.86
CA GLY A 63 -7.86 -10.97 24.23
C GLY A 63 -9.06 -10.10 24.57
N ARG A 64 -9.64 -9.41 23.58
CA ARG A 64 -10.91 -8.71 23.75
C ARG A 64 -12.13 -9.54 23.36
N LEU A 65 -11.97 -10.45 22.43
CA LEU A 65 -12.98 -11.43 22.07
C LEU A 65 -12.40 -12.80 22.38
N THR A 66 -13.26 -13.69 22.81
CA THR A 66 -12.93 -15.09 22.96
C THR A 66 -12.69 -15.75 21.61
N ASP A 67 -12.03 -16.92 21.65
CA ASP A 67 -11.83 -17.70 20.44
C ASP A 67 -13.15 -18.05 19.78
N GLU A 68 -14.17 -18.34 20.59
CA GLU A 68 -15.48 -18.69 20.06
C GLU A 68 -16.14 -17.51 19.34
N GLN A 69 -16.14 -16.33 19.98
CA GLN A 69 -16.67 -15.14 19.32
C GLN A 69 -15.93 -14.85 17.99
N ILE A 70 -14.62 -15.00 17.97
CA ILE A 70 -13.89 -14.76 16.73
C ILE A 70 -14.23 -15.83 15.70
N GLN A 71 -14.32 -17.08 16.11
CA GLN A 71 -14.76 -18.10 15.15
C GLN A 71 -16.14 -17.77 14.61
N ASP A 72 -17.04 -17.35 15.48
CA ASP A 72 -18.39 -17.06 15.04
C ASP A 72 -18.40 -15.91 14.05
N VAL A 73 -17.67 -14.83 14.33
CA VAL A 73 -17.79 -13.67 13.47
C VAL A 73 -17.08 -13.95 12.15
N ALA A 74 -16.07 -14.80 12.15
CA ALA A 74 -15.46 -15.15 10.85
C ALA A 74 -16.43 -15.92 9.97
N ALA A 75 -17.23 -16.79 10.61
CA ALA A 75 -18.23 -17.58 9.91
C ALA A 75 -19.35 -16.67 9.41
N TYR A 76 -19.78 -15.73 10.24
CA TYR A 76 -20.80 -14.81 9.79
C TYR A 76 -20.34 -14.02 8.58
N VAL A 77 -19.10 -13.52 8.63
CA VAL A 77 -18.61 -12.68 7.53
C VAL A 77 -18.64 -13.46 6.25
N LEU A 78 -18.23 -14.74 6.31
CA LEU A 78 -18.12 -15.58 5.12
C LEU A 78 -19.49 -15.93 4.57
N ASP A 79 -20.42 -16.28 5.48
CA ASP A 79 -21.82 -16.43 5.11
C ASP A 79 -22.36 -15.21 4.34
N GLN A 80 -22.16 -14.00 4.89
CA GLN A 80 -22.69 -12.76 4.27
C GLN A 80 -22.05 -12.48 2.92
N ALA A 81 -20.74 -12.64 2.84
CA ALA A 81 -20.02 -12.45 1.59
C ALA A 81 -20.56 -13.36 0.49
N ALA A 82 -20.83 -14.64 0.84
CA ALA A 82 -21.47 -15.58 -0.09
C ALA A 82 -22.80 -15.07 -0.62
N LYS A 83 -23.60 -14.44 0.25
CA LYS A 83 -24.93 -13.92 -0.06
C LYS A 83 -24.93 -12.49 -0.61
N GLY A 84 -23.77 -11.89 -0.85
CA GLY A 84 -23.73 -10.56 -1.41
C GLY A 84 -23.96 -9.40 -0.43
N TRP A 85 -24.19 -9.68 0.86
CA TRP A 85 -24.41 -8.66 1.90
C TRP A 85 -25.72 -7.91 1.68
N ALA A 86 -26.73 -8.62 1.21
CA ALA A 86 -28.08 -8.07 1.04
C ALA A 86 -28.61 -7.47 2.36
N ALA B 1 21.92 -20.56 14.63
CA ALA B 1 22.69 -19.43 14.02
C ALA B 1 23.57 -18.71 15.05
N ASP B 2 24.46 -17.82 14.57
CA ASP B 2 25.31 -17.02 15.46
C ASP B 2 24.62 -15.66 15.66
N LEU B 3 23.99 -15.48 16.84
CA LEU B 3 23.34 -14.20 17.16
C LEU B 3 24.34 -13.05 17.22
N ALA B 4 25.54 -13.31 17.77
CA ALA B 4 26.54 -12.27 17.84
C ALA B 4 26.92 -11.76 16.45
N ASN B 5 27.11 -12.68 15.49
CA ASN B 5 27.37 -12.25 14.13
C ASN B 5 26.17 -11.52 13.54
N GLY B 6 24.95 -12.06 13.74
CA GLY B 6 23.75 -11.38 13.25
C GLY B 6 23.59 -9.96 13.76
N ALA B 7 23.85 -9.73 15.04
CA ALA B 7 23.79 -8.37 15.58
C ALA B 7 24.80 -7.44 14.90
N LYS B 8 26.03 -7.92 14.66
CA LYS B 8 27.00 -7.15 13.87
C LYS B 8 26.44 -6.80 12.49
N VAL B 9 25.91 -7.82 11.78
CA VAL B 9 25.37 -7.56 10.46
C VAL B 9 24.23 -6.54 10.53
N PHE B 10 23.34 -6.69 11.51
CA PHE B 10 22.25 -5.74 11.67
C PHE B 10 22.78 -4.31 11.79
N SER B 11 23.79 -4.12 12.66
CA SER B 11 24.39 -2.81 12.90
C SER B 11 24.88 -2.16 11.61
N GLY B 12 25.58 -2.92 10.76
CA GLY B 12 26.17 -2.36 9.55
C GLY B 12 25.25 -2.24 8.36
N ASN B 13 24.18 -3.02 8.29
CA ASN B 13 23.45 -3.12 7.05
C ASN B 13 21.99 -2.84 7.24
N CYS B 14 21.49 -2.77 8.48
CA CYS B 14 20.05 -2.64 8.70
C CYS B 14 19.64 -1.47 9.59
N ALA B 15 20.49 -1.08 10.55
CA ALA B 15 20.06 -0.17 11.59
C ALA B 15 19.77 1.24 11.05
N ALA B 16 20.40 1.61 9.94
CA ALA B 16 20.11 2.88 9.31
C ALA B 16 18.62 3.05 9.07
N CYS B 17 18.00 2.06 8.45
CA CYS B 17 16.56 2.17 8.30
C CYS B 17 15.77 1.64 9.49
N HIS B 18 16.25 0.58 10.15
CA HIS B 18 15.49 -0.09 11.22
C HIS B 18 16.00 0.27 12.59
N MET B 19 16.10 1.59 12.80
CA MET B 19 16.74 2.16 13.97
C MET B 19 15.97 1.78 15.23
N GLY B 20 16.65 1.06 16.11
CA GLY B 20 16.01 0.54 17.29
C GLY B 20 14.95 -0.49 17.02
N GLY B 21 14.96 -1.12 15.85
CA GLY B 21 13.91 -2.03 15.46
C GLY B 21 12.71 -1.38 14.82
N GLY B 22 12.84 -0.15 14.34
CA GLY B 22 11.76 0.60 13.73
C GLY B 22 11.82 0.58 12.22
N ASN B 23 11.46 1.70 11.62
CA ASN B 23 11.53 1.83 10.18
C ASN B 23 11.32 3.31 9.87
N VAL B 24 12.36 3.98 9.39
CA VAL B 24 12.25 5.40 9.04
C VAL B 24 11.65 5.63 7.67
N VAL B 25 11.53 4.59 6.86
CA VAL B 25 11.02 4.70 5.50
C VAL B 25 9.52 4.39 5.41
N MET B 26 9.03 3.32 6.06
CA MET B 26 7.62 2.94 6.06
C MET B 26 7.29 2.65 7.51
N ALA B 27 6.79 3.65 8.24
CA ALA B 27 6.83 3.56 9.70
C ALA B 27 6.01 2.40 10.27
N ASN B 28 5.07 1.83 9.50
CA ASN B 28 4.27 0.72 10.05
C ASN B 28 4.95 -0.65 9.87
N LYS B 29 5.94 -0.76 8.97
CA LYS B 29 6.61 -2.05 8.74
C LYS B 29 7.86 -2.24 9.60
N THR B 30 7.66 -2.30 10.90
CA THR B 30 8.79 -2.34 11.83
C THR B 30 9.22 -3.78 12.08
N LEU B 31 10.23 -3.95 12.96
CA LEU B 31 10.79 -5.26 13.31
C LEU B 31 10.30 -5.76 14.65
N LYS B 32 9.29 -5.12 15.19
CA LYS B 32 8.68 -5.59 16.43
CA LYS B 32 8.67 -5.59 16.42
C LYS B 32 7.79 -6.80 16.14
N LYS B 33 7.64 -7.64 17.16
CA LYS B 33 6.95 -8.91 17.01
C LYS B 33 5.56 -8.72 16.44
N GLU B 34 4.75 -7.88 17.09
CA GLU B 34 3.33 -7.77 16.74
C GLU B 34 3.17 -7.22 15.33
N ALA B 35 4.10 -6.38 14.88
CA ALA B 35 4.04 -5.90 13.50
C ALA B 35 4.45 -7.00 12.54
N LEU B 36 5.57 -7.69 12.83
CA LEU B 36 5.97 -8.79 11.95
C LEU B 36 4.83 -9.78 11.81
N GLU B 37 4.11 -10.02 12.91
CA GLU B 37 3.03 -11.02 12.88
C GLU B 37 1.87 -10.55 12.01
N GLN B 38 1.59 -9.25 11.99
CA GLN B 38 0.46 -8.78 11.19
C GLN B 38 0.67 -9.03 9.71
N PHE B 39 1.93 -9.15 9.27
CA PHE B 39 2.28 -9.23 7.87
C PHE B 39 2.86 -10.59 7.49
N GLY B 40 2.75 -11.56 8.38
CA GLY B 40 3.27 -12.89 8.10
C GLY B 40 4.76 -12.95 7.94
N MET B 41 5.48 -12.09 8.67
CA MET B 41 6.92 -12.03 8.57
C MET B 41 7.63 -12.55 9.82
N TYR B 42 6.90 -13.04 10.82
CA TYR B 42 7.50 -13.56 12.06
C TYR B 42 7.93 -15.03 11.90
N SER B 43 8.96 -15.24 11.08
CA SER B 43 9.51 -16.56 10.76
C SER B 43 10.87 -16.35 10.10
N GLU B 44 11.80 -17.29 10.35
CA GLU B 44 13.14 -17.13 9.80
C GLU B 44 13.12 -17.23 8.28
N ASP B 45 12.25 -18.09 7.71
CA ASP B 45 12.21 -18.23 6.27
C ASP B 45 11.70 -16.95 5.58
N ALA B 46 10.64 -16.35 6.11
CA ALA B 46 10.13 -15.15 5.46
C ALA B 46 11.17 -14.04 5.49
N ILE B 47 11.91 -13.92 6.60
CA ILE B 47 12.85 -12.81 6.71
C ILE B 47 14.04 -13.06 5.81
N ILE B 48 14.50 -14.32 5.77
CA ILE B 48 15.58 -14.64 4.85
C ILE B 48 15.18 -14.27 3.42
N TYR B 49 13.95 -14.57 3.04
CA TYR B 49 13.52 -14.36 1.66
C TYR B 49 13.51 -12.88 1.30
N GLN B 50 12.92 -12.06 2.18
CA GLN B 50 12.90 -10.61 1.99
C GLN B 50 14.30 -9.96 2.13
N VAL B 51 15.20 -10.50 2.97
CA VAL B 51 16.52 -9.91 2.99
C VAL B 51 17.26 -10.21 1.68
N GLN B 52 17.02 -11.39 1.08
CA GLN B 52 17.73 -11.74 -0.15
C GLN B 52 17.18 -11.03 -1.37
N HIS B 53 15.87 -10.90 -1.47
CA HIS B 53 15.30 -10.34 -2.69
C HIS B 53 14.92 -8.88 -2.55
N GLY B 54 14.91 -8.35 -1.33
CA GLY B 54 14.42 -7.01 -1.09
C GLY B 54 12.93 -6.94 -1.35
N LYS B 55 12.40 -5.76 -1.10
CA LYS B 55 10.98 -5.50 -1.33
C LYS B 55 10.74 -4.00 -1.40
N ASN B 56 10.38 -3.50 -2.60
CA ASN B 56 10.17 -2.06 -2.77
C ASN B 56 11.37 -1.29 -2.26
N ALA B 57 11.13 -0.37 -1.32
CA ALA B 57 12.22 0.44 -0.77
C ALA B 57 13.26 -0.36 0.01
N MET B 58 12.96 -1.59 0.40
CA MET B 58 13.97 -2.34 1.12
C MET B 58 14.95 -2.96 0.12
N PRO B 59 16.23 -2.68 0.21
CA PRO B 59 17.17 -3.28 -0.76
C PRO B 59 17.22 -4.79 -0.66
N ALA B 60 17.74 -5.39 -1.74
CA ALA B 60 18.17 -6.78 -1.79
C ALA B 60 19.63 -6.89 -1.36
N PHE B 61 19.92 -7.89 -0.54
CA PHE B 61 21.22 -8.12 0.05
C PHE B 61 21.91 -9.39 -0.46
N ALA B 62 21.32 -10.09 -1.42
CA ALA B 62 21.90 -11.34 -1.89
C ALA B 62 23.30 -11.14 -2.46
N GLY B 63 23.49 -10.12 -3.28
CA GLY B 63 24.82 -9.83 -3.76
C GLY B 63 25.81 -9.21 -2.79
N ARG B 64 25.43 -8.98 -1.53
CA ARG B 64 26.20 -8.13 -0.61
C ARG B 64 26.54 -8.82 0.72
N LEU B 65 25.70 -9.75 1.16
CA LEU B 65 25.93 -10.54 2.36
C LEU B 65 25.95 -12.02 1.95
N THR B 66 26.66 -12.80 2.74
CA THR B 66 26.74 -14.23 2.54
C THR B 66 25.44 -14.92 2.99
N ASP B 67 25.28 -16.17 2.60
CA ASP B 67 24.16 -16.94 3.12
C ASP B 67 24.23 -16.99 4.63
N GLU B 68 25.43 -17.24 5.18
CA GLU B 68 25.60 -17.32 6.61
C GLU B 68 25.25 -16.01 7.33
N GLN B 69 25.62 -14.87 6.75
CA GLN B 69 25.31 -13.64 7.43
C GLN B 69 23.83 -13.30 7.32
N ILE B 70 23.20 -13.68 6.21
CA ILE B 70 21.77 -13.41 6.05
C ILE B 70 20.97 -14.26 7.01
N GLN B 71 21.33 -15.53 7.15
CA GLN B 71 20.64 -16.38 8.13
C GLN B 71 20.92 -15.89 9.55
N ASP B 72 22.14 -15.43 9.81
CA ASP B 72 22.46 -14.89 11.12
C ASP B 72 21.64 -13.65 11.42
N VAL B 73 21.49 -12.75 10.45
CA VAL B 73 20.78 -11.52 10.76
C VAL B 73 19.31 -11.82 10.99
N ALA B 74 18.77 -12.82 10.29
CA ALA B 74 17.37 -13.15 10.46
C ALA B 74 17.12 -13.78 11.81
N ALA B 75 18.03 -14.65 12.26
CA ALA B 75 17.88 -15.13 13.63
C ALA B 75 17.99 -13.97 14.62
N TYR B 76 18.91 -13.03 14.38
CA TYR B 76 19.08 -11.94 15.34
C TYR B 76 17.78 -11.12 15.43
N VAL B 77 17.13 -10.88 14.30
CA VAL B 77 15.91 -10.08 14.28
C VAL B 77 14.78 -10.78 15.04
N LEU B 78 14.66 -12.09 14.90
CA LEU B 78 13.61 -12.81 15.61
C LEU B 78 13.87 -12.80 17.11
N ASP B 79 15.13 -12.95 17.50
CA ASP B 79 15.47 -12.96 18.92
C ASP B 79 15.21 -11.61 19.57
N GLN B 80 15.67 -10.52 18.94
CA GLN B 80 15.42 -9.18 19.47
C GLN B 80 13.92 -8.89 19.54
N ALA B 81 13.18 -9.35 18.54
CA ALA B 81 11.72 -9.18 18.51
C ALA B 81 11.03 -9.86 19.69
N ALA B 82 11.44 -11.10 19.99
CA ALA B 82 10.93 -11.79 21.17
C ALA B 82 11.40 -11.11 22.45
N LYS B 83 12.66 -10.67 22.52
CA LYS B 83 13.17 -9.98 23.69
C LYS B 83 12.56 -8.59 23.86
N GLY B 84 12.27 -7.92 22.76
CA GLY B 84 12.00 -6.50 22.77
C GLY B 84 13.17 -5.65 22.29
N TRP B 85 12.87 -4.68 21.45
CA TRP B 85 13.90 -3.74 21.04
C TRP B 85 14.05 -2.65 22.10
N ALA B 86 15.15 -1.87 21.97
CA ALA B 86 15.43 -0.71 22.81
C ALA B 86 14.93 0.60 22.18
N GLY B 87 14.59 0.60 20.89
CA GLY B 87 14.02 1.76 20.23
C GLY B 87 12.79 2.35 20.92
N ALA C 1 1.42 -25.54 -22.81
CA ALA C 1 2.35 -24.38 -22.70
C ALA C 1 2.64 -23.81 -24.11
N ASP C 2 1.59 -23.36 -24.80
CA ASP C 2 1.66 -22.81 -26.15
C ASP C 2 2.09 -21.35 -26.08
N LEU C 3 3.39 -21.09 -26.21
CA LEU C 3 3.90 -19.75 -25.96
C LEU C 3 3.57 -18.74 -27.05
N ALA C 4 3.22 -19.21 -28.26
CA ALA C 4 2.81 -18.29 -29.32
C ALA C 4 1.40 -17.75 -29.07
N ASN C 5 0.49 -18.62 -28.61
CA ASN C 5 -0.85 -18.20 -28.25
C ASN C 5 -0.82 -17.25 -27.04
N GLY C 6 0.07 -17.52 -26.09
CA GLY C 6 0.19 -16.64 -24.94
C GLY C 6 0.72 -15.26 -25.31
N ALA C 7 1.72 -15.19 -26.20
CA ALA C 7 2.13 -13.88 -26.70
C ALA C 7 0.96 -13.19 -27.40
N LYS C 8 0.11 -13.97 -28.08
CA LYS C 8 -1.07 -13.39 -28.72
C LYS C 8 -2.02 -12.81 -27.68
N VAL C 9 -2.40 -13.64 -26.70
CA VAL C 9 -3.22 -13.18 -25.58
C VAL C 9 -2.59 -11.97 -24.89
N PHE C 10 -1.27 -11.99 -24.68
CA PHE C 10 -0.62 -10.87 -24.00
C PHE C 10 -0.81 -9.57 -24.78
N SER C 11 -0.60 -9.59 -26.09
CA SER C 11 -0.72 -8.36 -26.86
C SER C 11 -2.17 -7.84 -26.81
N GLY C 12 -3.15 -8.72 -26.89
CA GLY C 12 -4.55 -8.29 -26.83
C GLY C 12 -4.98 -7.78 -25.47
N ASN C 13 -4.66 -8.51 -24.40
CA ASN C 13 -5.30 -8.24 -23.12
C ASN C 13 -4.43 -7.60 -22.04
N CYS C 14 -3.12 -7.47 -22.26
CA CYS C 14 -2.23 -7.13 -21.17
C CYS C 14 -1.31 -5.98 -21.47
N ALA C 15 -1.03 -5.71 -22.75
CA ALA C 15 -0.03 -4.71 -23.10
C ALA C 15 -0.58 -3.30 -22.92
N ALA C 16 -1.90 -3.15 -22.76
CA ALA C 16 -2.45 -1.85 -22.40
C ALA C 16 -1.71 -1.29 -21.20
N CYS C 17 -1.18 -2.17 -20.36
CA CYS C 17 -0.56 -1.77 -19.09
C CYS C 17 0.83 -2.34 -18.86
N HIS C 18 1.16 -3.47 -19.47
CA HIS C 18 2.43 -4.14 -19.19
C HIS C 18 3.41 -4.13 -20.36
N MET C 19 3.30 -3.19 -21.30
CA MET C 19 4.09 -3.33 -22.52
C MET C 19 5.58 -3.30 -22.17
N GLY C 20 6.35 -4.17 -22.80
CA GLY C 20 7.75 -4.36 -22.44
C GLY C 20 7.99 -4.86 -21.03
N GLY C 21 7.03 -5.58 -20.44
CA GLY C 21 7.11 -6.00 -19.05
C GLY C 21 7.07 -4.89 -18.03
N GLY C 22 6.62 -3.69 -18.38
CA GLY C 22 6.50 -2.61 -17.43
C GLY C 22 5.19 -2.66 -16.66
N ASN C 23 4.87 -1.56 -15.99
CA ASN C 23 3.53 -1.36 -15.45
C ASN C 23 3.24 0.14 -15.45
N VAL C 24 2.23 0.58 -16.22
CA VAL C 24 1.95 2.03 -16.29
C VAL C 24 1.06 2.53 -15.16
N VAL C 25 0.31 1.63 -14.52
CA VAL C 25 -0.58 1.94 -13.40
C VAL C 25 0.15 1.93 -12.06
N MET C 26 0.86 0.86 -11.73
CA MET C 26 1.54 0.73 -10.44
C MET C 26 3.01 0.46 -10.74
N ALA C 27 3.86 1.49 -10.69
CA ALA C 27 5.08 1.43 -11.48
C ALA C 27 6.07 0.42 -10.90
N ASN C 28 6.01 0.12 -9.61
CA ASN C 28 6.90 -0.89 -9.02
C ASN C 28 6.48 -2.33 -9.28
N LYS C 29 5.29 -2.59 -9.82
CA LYS C 29 4.85 -3.98 -10.04
C LYS C 29 5.02 -4.40 -11.50
N THR C 30 6.25 -4.30 -11.97
CA THR C 30 6.56 -4.66 -13.34
C THR C 30 6.50 -6.17 -13.50
N LEU C 31 6.64 -6.62 -14.74
CA LEU C 31 6.72 -8.04 -15.07
C LEU C 31 8.15 -8.53 -15.26
N LYS C 32 9.12 -7.77 -14.78
CA LYS C 32 10.49 -8.22 -14.72
C LYS C 32 10.72 -9.23 -13.60
N LYS C 33 11.74 -10.09 -13.81
CA LYS C 33 11.99 -11.24 -12.96
C LYS C 33 12.14 -10.87 -11.49
N GLU C 34 13.02 -9.89 -11.23
CA GLU C 34 13.37 -9.52 -9.86
C GLU C 34 12.20 -8.84 -9.12
N ALA C 35 11.33 -8.13 -9.84
CA ALA C 35 10.14 -7.58 -9.21
C ALA C 35 9.13 -8.68 -8.86
N LEU C 36 8.87 -9.60 -9.80
CA LEU C 36 7.98 -10.72 -9.52
C LEU C 36 8.48 -11.54 -8.36
N GLU C 37 9.79 -11.77 -8.28
CA GLU C 37 10.34 -12.54 -7.17
C GLU C 37 10.11 -11.83 -5.84
N GLN C 38 10.18 -10.49 -5.82
CA GLN C 38 9.97 -9.73 -4.59
C GLN C 38 8.56 -9.92 -4.01
N PHE C 39 7.56 -10.16 -4.86
CA PHE C 39 6.17 -10.28 -4.42
C PHE C 39 5.66 -11.70 -4.54
N GLY C 40 6.56 -12.66 -4.73
CA GLY C 40 6.19 -14.05 -4.84
C GLY C 40 5.29 -14.34 -6.02
N MET C 41 5.50 -13.67 -7.15
CA MET C 41 4.74 -13.85 -8.37
C MET C 41 5.53 -14.55 -9.46
N TYR C 42 6.67 -15.17 -9.13
CA TYR C 42 7.49 -15.83 -10.15
C TYR C 42 7.16 -17.33 -10.22
N SER C 43 5.89 -17.60 -10.56
CA SER C 43 5.30 -18.93 -10.47
C SER C 43 4.16 -18.96 -11.45
N GLU C 44 4.09 -19.99 -12.29
CA GLU C 44 2.97 -20.10 -13.20
CA GLU C 44 2.96 -20.14 -13.20
C GLU C 44 1.64 -20.03 -12.44
N ASP C 45 1.54 -20.68 -11.28
CA ASP C 45 0.24 -20.77 -10.58
C ASP C 45 -0.15 -19.49 -9.84
N ALA C 46 0.83 -18.67 -9.42
CA ALA C 46 0.53 -17.39 -8.80
C ALA C 46 0.04 -16.39 -9.84
N ILE C 47 0.71 -16.35 -11.01
CA ILE C 47 0.27 -15.49 -12.11
C ILE C 47 -1.12 -15.90 -12.60
N ILE C 48 -1.36 -17.21 -12.75
CA ILE C 48 -2.69 -17.65 -13.15
C ILE C 48 -3.74 -17.13 -12.19
N TYR C 49 -3.50 -17.26 -10.87
CA TYR C 49 -4.53 -16.87 -9.89
C TYR C 49 -4.82 -15.36 -10.00
N GLN C 50 -3.79 -14.54 -10.19
CA GLN C 50 -3.99 -13.09 -10.25
C GLN C 50 -4.64 -12.65 -11.55
N VAL C 51 -4.37 -13.33 -12.66
CA VAL C 51 -5.10 -13.05 -13.89
C VAL C 51 -6.55 -13.47 -13.73
N GLN C 52 -6.80 -14.59 -13.06
CA GLN C 52 -8.16 -15.06 -12.95
C GLN C 52 -9.00 -14.15 -12.07
N HIS C 53 -8.44 -13.68 -10.96
CA HIS C 53 -9.22 -13.00 -9.95
C HIS C 53 -9.00 -11.50 -9.92
N GLY C 54 -7.93 -11.03 -10.54
CA GLY C 54 -7.55 -9.65 -10.39
C GLY C 54 -6.93 -9.34 -9.05
N LYS C 55 -6.43 -8.11 -8.93
CA LYS C 55 -5.94 -7.58 -7.67
C LYS C 55 -5.92 -6.06 -7.80
N ASN C 56 -6.84 -5.38 -7.12
CA ASN C 56 -6.80 -3.93 -7.03
C ASN C 56 -6.99 -3.36 -8.43
N ALA C 57 -6.06 -2.58 -8.94
CA ALA C 57 -6.24 -1.94 -10.25
C ALA C 57 -5.95 -2.89 -11.40
N MET C 58 -5.39 -4.05 -11.17
CA MET C 58 -5.32 -5.03 -12.26
C MET C 58 -6.65 -5.79 -12.36
N PRO C 59 -7.26 -5.82 -13.54
CA PRO C 59 -8.59 -6.46 -13.67
C PRO C 59 -8.54 -7.97 -13.54
N ALA C 60 -9.71 -8.54 -13.25
CA ALA C 60 -9.89 -9.99 -13.33
C ALA C 60 -10.16 -10.39 -14.77
N PHE C 61 -9.68 -11.57 -15.14
CA PHE C 61 -9.88 -12.02 -16.51
C PHE C 61 -10.62 -13.35 -16.59
N ALA C 62 -11.19 -13.82 -15.48
CA ALA C 62 -11.82 -15.13 -15.52
C ALA C 62 -13.08 -15.14 -16.39
N GLY C 63 -13.69 -13.99 -16.64
CA GLY C 63 -14.88 -13.99 -17.47
C GLY C 63 -14.61 -13.84 -18.95
N ARG C 64 -13.45 -13.29 -19.29
CA ARG C 64 -13.16 -12.87 -20.65
C ARG C 64 -12.15 -13.75 -21.35
N LEU C 65 -11.58 -14.72 -20.66
CA LEU C 65 -10.53 -15.56 -21.23
C LEU C 65 -10.77 -17.00 -20.80
N THR C 66 -10.27 -17.92 -21.62
CA THR C 66 -10.36 -19.34 -21.32
C THR C 66 -9.26 -19.76 -20.34
N ASP C 67 -9.54 -20.83 -19.60
CA ASP C 67 -8.50 -21.40 -18.73
C ASP C 67 -7.21 -21.66 -19.49
N GLU C 68 -7.30 -21.98 -20.78
CA GLU C 68 -6.10 -22.34 -21.52
C GLU C 68 -5.33 -21.12 -22.01
N GLN C 69 -6.04 -20.05 -22.37
CA GLN C 69 -5.36 -18.82 -22.70
C GLN C 69 -4.64 -18.25 -21.49
N ILE C 70 -5.14 -18.55 -20.28
CA ILE C 70 -4.57 -17.98 -19.07
C ILE C 70 -3.28 -18.69 -18.71
N GLN C 71 -3.32 -20.04 -18.74
CA GLN C 71 -2.09 -20.83 -18.58
C GLN C 71 -1.03 -20.43 -19.60
N ASP C 72 -1.44 -20.07 -20.80
CA ASP C 72 -0.45 -19.76 -21.83
C ASP C 72 0.11 -18.34 -21.73
N VAL C 73 -0.70 -17.35 -21.34
CA VAL C 73 -0.15 -16.03 -21.08
C VAL C 73 0.72 -16.07 -19.82
N ALA C 74 0.34 -16.86 -18.82
CA ALA C 74 1.18 -17.03 -17.64
C ALA C 74 2.56 -17.57 -18.01
N ALA C 75 2.58 -18.68 -18.75
CA ALA C 75 3.83 -19.24 -19.24
C ALA C 75 4.58 -18.23 -20.11
N TYR C 76 3.86 -17.46 -20.91
CA TYR C 76 4.51 -16.44 -21.74
C TYR C 76 5.22 -15.42 -20.88
N VAL C 77 4.57 -14.98 -19.80
CA VAL C 77 5.14 -13.91 -18.96
C VAL C 77 6.40 -14.40 -18.29
N LEU C 78 6.39 -15.64 -17.79
CA LEU C 78 7.57 -16.14 -17.09
C LEU C 78 8.71 -16.33 -18.07
N ASP C 79 8.38 -16.78 -19.29
CA ASP C 79 9.41 -16.98 -20.30
C ASP C 79 10.03 -15.66 -20.74
N GLN C 80 9.21 -14.62 -20.93
CA GLN C 80 9.79 -13.32 -21.23
C GLN C 80 10.56 -12.79 -20.04
N ALA C 81 10.06 -13.05 -18.83
CA ALA C 81 10.72 -12.54 -17.62
C ALA C 81 12.11 -13.17 -17.47
N ALA C 82 12.22 -14.47 -17.68
CA ALA C 82 13.52 -15.14 -17.62
C ALA C 82 14.49 -14.69 -18.70
N LYS C 83 13.97 -14.14 -19.83
CA LYS C 83 14.79 -13.73 -20.96
C LYS C 83 15.13 -12.25 -20.98
N GLY C 84 14.40 -11.41 -20.25
CA GLY C 84 14.64 -9.98 -20.24
C GLY C 84 13.71 -9.13 -21.11
N TRP C 85 12.68 -9.71 -21.71
CA TRP C 85 11.67 -8.94 -22.48
C TRP C 85 12.34 -8.32 -23.75
N ALA D 1 10.21 14.93 19.27
CA ALA D 1 11.11 16.07 18.91
C ALA D 1 11.49 16.07 17.43
N ASP D 2 11.54 14.88 16.81
CA ASP D 2 11.76 14.78 15.37
C ASP D 2 10.41 14.87 14.68
N LEU D 3 10.02 16.10 14.28
CA LEU D 3 8.72 16.29 13.63
C LEU D 3 8.67 15.68 12.22
N ALA D 4 9.82 15.46 11.60
CA ALA D 4 9.85 14.79 10.28
C ALA D 4 9.59 13.30 10.39
N ASN D 5 10.12 12.66 11.42
CA ASN D 5 9.83 11.25 11.63
C ASN D 5 8.38 11.05 12.03
N GLY D 6 7.87 11.91 12.94
CA GLY D 6 6.47 11.83 13.35
C GLY D 6 5.49 11.98 12.19
N ALA D 7 5.80 12.87 11.24
CA ALA D 7 4.95 13.00 10.06
C ALA D 7 4.98 11.75 9.20
N LYS D 8 6.14 11.09 9.11
CA LYS D 8 6.22 9.79 8.45
C LYS D 8 5.42 8.73 9.21
N VAL D 9 5.62 8.66 10.54
CA VAL D 9 4.81 7.78 11.37
C VAL D 9 3.32 8.06 11.15
N PHE D 10 2.94 9.34 11.19
CA PHE D 10 1.54 9.71 11.03
C PHE D 10 1.01 9.23 9.67
N SER D 11 1.76 9.52 8.61
CA SER D 11 1.34 9.11 7.28
C SER D 11 1.15 7.60 7.20
N GLY D 12 2.02 6.83 7.85
CA GLY D 12 2.00 5.40 7.72
C GLY D 12 1.06 4.67 8.66
N ASN D 13 0.61 5.34 9.73
CA ASN D 13 -0.13 4.65 10.80
C ASN D 13 -1.38 5.36 11.28
N CYS D 14 -1.62 6.61 10.87
CA CYS D 14 -2.73 7.35 11.44
C CYS D 14 -3.58 8.03 10.39
N ALA D 15 -2.98 8.39 9.24
CA ALA D 15 -3.71 9.18 8.24
C ALA D 15 -4.90 8.40 7.65
N ALA D 16 -4.84 7.09 7.66
CA ALA D 16 -5.99 6.32 7.20
C ALA D 16 -7.29 6.69 7.92
N CYS D 17 -7.20 7.05 9.21
CA CYS D 17 -8.39 7.46 9.96
C CYS D 17 -8.40 8.93 10.36
N HIS D 18 -7.24 9.57 10.47
CA HIS D 18 -7.11 10.93 10.99
C HIS D 18 -6.58 11.92 9.94
N MET D 19 -6.54 11.54 8.67
CA MET D 19 -6.12 12.45 7.62
C MET D 19 -6.71 13.85 7.82
N GLY D 20 -5.83 14.87 7.78
CA GLY D 20 -6.24 16.26 7.90
C GLY D 20 -6.69 16.69 9.28
N GLY D 21 -6.46 15.84 10.30
CA GLY D 21 -6.91 16.11 11.64
C GLY D 21 -8.32 15.66 11.95
N GLY D 22 -8.96 14.92 11.04
CA GLY D 22 -10.33 14.48 11.21
C GLY D 22 -10.45 13.12 11.88
N ASN D 23 -11.56 12.44 11.61
CA ASN D 23 -11.75 11.11 12.18
C ASN D 23 -12.89 10.45 11.38
N VAL D 24 -12.51 9.63 10.41
CA VAL D 24 -13.51 8.98 9.57
C VAL D 24 -14.40 7.97 10.33
N VAL D 25 -14.04 7.59 11.56
CA VAL D 25 -14.70 6.51 12.26
C VAL D 25 -15.62 7.01 13.37
N MET D 26 -15.12 7.92 14.22
CA MET D 26 -15.96 8.64 15.19
C MET D 26 -15.80 10.13 14.97
N ALA D 27 -16.81 10.71 14.31
CA ALA D 27 -16.72 12.06 13.76
C ALA D 27 -16.30 13.11 14.79
N ASN D 28 -16.75 12.98 16.04
CA ASN D 28 -16.55 14.05 17.01
C ASN D 28 -15.14 14.08 17.61
N LYS D 29 -14.37 13.00 17.49
CA LYS D 29 -13.09 12.88 18.20
C LYS D 29 -11.94 13.09 17.22
N THR D 30 -11.87 14.33 16.74
CA THR D 30 -10.88 14.80 15.77
C THR D 30 -9.55 15.11 16.48
N LEU D 31 -8.54 15.47 15.67
CA LEU D 31 -7.26 15.93 16.17
C LEU D 31 -7.15 17.45 16.19
N LYS D 32 -8.26 18.14 16.00
CA LYS D 32 -8.26 19.60 16.01
C LYS D 32 -8.07 20.10 17.44
N LYS D 33 -7.30 21.18 17.58
CA LYS D 33 -7.04 21.77 18.90
C LYS D 33 -8.27 21.86 19.79
N GLU D 34 -9.41 22.27 19.24
CA GLU D 34 -10.62 22.43 20.05
C GLU D 34 -11.07 21.09 20.64
N ALA D 35 -11.17 20.06 19.80
CA ALA D 35 -11.64 18.77 20.28
C ALA D 35 -10.67 18.20 21.31
N LEU D 36 -9.37 18.32 21.05
CA LEU D 36 -8.39 17.71 21.93
C LEU D 36 -8.48 18.31 23.34
N GLU D 37 -8.69 19.62 23.43
CA GLU D 37 -8.83 20.27 24.73
C GLU D 37 -10.09 19.80 25.45
N GLN D 38 -11.21 19.71 24.72
CA GLN D 38 -12.50 19.32 25.29
C GLN D 38 -12.43 18.01 26.07
N PHE D 39 -11.74 17.02 25.52
CA PHE D 39 -11.67 15.69 26.11
C PHE D 39 -10.36 15.44 26.83
N GLY D 40 -9.53 16.47 26.99
CA GLY D 40 -8.39 16.38 27.87
C GLY D 40 -7.18 15.77 27.23
N MET D 41 -7.11 15.77 25.89
CA MET D 41 -6.07 15.08 25.16
C MET D 41 -5.03 16.03 24.58
N TYR D 42 -5.12 17.31 24.90
CA TYR D 42 -4.22 18.30 24.28
C TYR D 42 -2.92 18.37 25.08
N SER D 43 -2.23 17.22 25.13
CA SER D 43 -1.01 17.05 25.90
C SER D 43 -0.19 15.94 25.27
N GLU D 44 1.14 16.09 25.28
CA GLU D 44 1.97 15.07 24.67
C GLU D 44 1.77 13.73 25.38
N ASP D 45 1.80 13.72 26.71
CA ASP D 45 1.72 12.46 27.43
C ASP D 45 0.34 11.81 27.33
N ALA D 46 -0.71 12.58 26.98
CA ALA D 46 -2.03 11.95 26.78
C ALA D 46 -2.16 11.34 25.38
N ILE D 47 -1.66 12.01 24.35
CA ILE D 47 -1.60 11.39 23.03
C ILE D 47 -0.71 10.16 23.06
N ILE D 48 0.41 10.23 23.79
CA ILE D 48 1.32 9.09 23.92
C ILE D 48 0.59 7.89 24.50
N TYR D 49 -0.21 8.12 25.52
CA TYR D 49 -0.92 7.03 26.18
C TYR D 49 -1.96 6.41 25.25
N GLN D 50 -2.77 7.24 24.59
CA GLN D 50 -3.80 6.69 23.73
C GLN D 50 -3.18 5.92 22.55
N VAL D 51 -2.10 6.45 21.97
CA VAL D 51 -1.43 5.71 20.91
C VAL D 51 -0.93 4.37 21.44
N GLN D 52 -0.30 4.39 22.62
CA GLN D 52 0.21 3.15 23.19
C GLN D 52 -0.90 2.13 23.40
N HIS D 53 -2.05 2.57 23.96
CA HIS D 53 -3.06 1.63 24.45
C HIS D 53 -4.25 1.48 23.54
N GLY D 54 -4.36 2.30 22.50
CA GLY D 54 -5.54 2.29 21.68
C GLY D 54 -6.75 2.66 22.52
N LYS D 55 -7.93 2.62 21.92
CA LYS D 55 -9.17 3.09 22.55
C LYS D 55 -10.36 2.67 21.69
N ASN D 56 -11.14 1.68 22.13
CA ASN D 56 -12.30 1.22 21.36
C ASN D 56 -11.87 0.88 19.91
N ALA D 57 -12.39 1.57 18.89
CA ALA D 57 -12.00 1.20 17.54
C ALA D 57 -10.67 1.80 17.08
N MET D 58 -9.96 2.59 17.92
CA MET D 58 -8.59 3.00 17.59
C MET D 58 -7.63 1.89 17.99
N PRO D 59 -6.80 1.37 17.07
CA PRO D 59 -5.89 0.29 17.45
C PRO D 59 -4.86 0.76 18.45
N ALA D 60 -4.25 -0.21 19.11
CA ALA D 60 -3.14 0.01 20.01
C ALA D 60 -1.84 -0.19 19.26
N PHE D 61 -0.89 0.73 19.50
CA PHE D 61 0.37 0.75 18.76
C PHE D 61 1.62 0.44 19.58
N ALA D 62 1.52 0.29 20.90
CA ALA D 62 2.72 0.10 21.71
C ALA D 62 3.51 -1.15 21.32
N GLY D 63 2.86 -2.14 20.72
CA GLY D 63 3.50 -3.36 20.34
C GLY D 63 4.01 -3.39 18.92
N ARG D 64 3.72 -2.34 18.15
CA ARG D 64 4.15 -2.25 16.75
C ARG D 64 5.02 -1.04 16.43
N LEU D 65 4.95 0.04 17.19
CA LEU D 65 5.81 1.22 17.02
C LEU D 65 6.84 1.26 18.15
N THR D 66 7.95 1.98 17.89
CA THR D 66 8.98 2.16 18.91
C THR D 66 8.59 3.31 19.86
N ASP D 67 9.14 3.27 21.06
CA ASP D 67 9.08 4.43 21.94
C ASP D 67 9.33 5.74 21.19
N GLU D 68 10.40 5.79 20.40
CA GLU D 68 10.75 7.02 19.71
C GLU D 68 9.73 7.35 18.63
N GLN D 69 9.18 6.34 17.95
CA GLN D 69 8.17 6.60 16.93
C GLN D 69 6.91 7.25 17.53
N ILE D 70 6.48 6.74 18.68
CA ILE D 70 5.28 7.27 19.30
C ILE D 70 5.51 8.68 19.80
N GLN D 71 6.66 8.94 20.44
CA GLN D 71 6.94 10.30 20.91
C GLN D 71 6.87 11.33 19.78
N ASP D 72 7.40 10.98 18.61
CA ASP D 72 7.47 11.92 17.48
C ASP D 72 6.15 12.05 16.71
N VAL D 73 5.29 11.03 16.72
CA VAL D 73 3.98 11.22 16.14
C VAL D 73 3.13 12.05 17.09
N ALA D 74 3.37 11.93 18.38
CA ALA D 74 2.67 12.79 19.33
C ALA D 74 3.07 14.25 19.14
N ALA D 75 4.38 14.52 18.97
CA ALA D 75 4.82 15.90 18.82
C ALA D 75 4.28 16.51 17.54
N TYR D 76 4.15 15.67 16.50
CA TYR D 76 3.65 16.12 15.21
C TYR D 76 2.19 16.47 15.30
N VAL D 77 1.44 15.73 16.12
CA VAL D 77 0.00 15.92 16.20
C VAL D 77 -0.32 17.20 16.96
N LEU D 78 0.33 17.38 18.13
CA LEU D 78 0.25 18.63 18.89
C LEU D 78 0.66 19.84 18.04
N ASP D 79 1.78 19.72 17.32
CA ASP D 79 2.23 20.82 16.48
C ASP D 79 1.23 21.11 15.37
N GLN D 80 0.79 20.07 14.66
CA GLN D 80 -0.16 20.24 13.57
C GLN D 80 -1.52 20.75 14.05
N ALA D 81 -1.92 20.41 15.28
CA ALA D 81 -3.18 20.95 15.82
C ALA D 81 -3.04 22.43 16.13
N ALA D 82 -1.90 22.81 16.76
CA ALA D 82 -1.57 24.20 17.05
C ALA D 82 -1.61 25.06 15.82
N LYS D 83 -1.43 24.47 14.64
CA LYS D 83 -1.49 25.19 13.38
C LYS D 83 -2.75 24.89 12.57
N GLY D 84 -3.74 24.26 13.21
CA GLY D 84 -5.03 24.15 12.58
C GLY D 84 -5.13 23.21 11.40
N TRP D 85 -4.10 22.40 11.15
CA TRP D 85 -4.13 21.31 10.17
C TRP D 85 -4.29 21.85 8.76
N ALA D 86 -3.67 22.99 8.47
CA ALA D 86 -3.75 23.57 7.14
C ALA D 86 -3.17 22.63 6.07
N ALA E 1 11.36 12.60 -20.85
CA ALA E 1 10.37 13.35 -21.69
C ALA E 1 8.95 13.22 -21.10
N ASP E 2 8.42 12.00 -21.07
CA ASP E 2 7.14 11.70 -20.43
C ASP E 2 7.18 11.93 -18.91
N LEU E 3 6.81 13.15 -18.48
CA LEU E 3 6.88 13.53 -17.08
C LEU E 3 5.73 12.97 -16.24
N ALA E 4 4.61 12.62 -16.87
CA ALA E 4 3.49 12.07 -16.13
C ALA E 4 3.75 10.63 -15.69
N ASN E 5 4.34 9.83 -16.58
CA ASN E 5 4.81 8.51 -16.17
C ASN E 5 5.94 8.66 -15.14
N GLY E 6 6.79 9.69 -15.31
CA GLY E 6 7.82 9.98 -14.32
C GLY E 6 7.26 10.27 -12.93
N ALA E 7 6.16 11.03 -12.86
CA ALA E 7 5.55 11.29 -11.56
C ALA E 7 5.10 9.98 -10.90
N LYS E 8 4.56 9.06 -11.68
CA LYS E 8 4.04 7.81 -11.12
C LYS E 8 5.18 6.85 -10.78
N VAL E 9 6.23 6.85 -11.59
CA VAL E 9 7.43 6.09 -11.24
C VAL E 9 8.02 6.62 -9.95
N PHE E 10 7.95 7.94 -9.73
CA PHE E 10 8.51 8.51 -8.51
C PHE E 10 7.65 8.16 -7.31
N SER E 11 6.32 8.31 -7.45
CA SER E 11 5.36 7.87 -6.44
C SER E 11 5.60 6.43 -5.98
N GLY E 12 5.72 5.50 -6.91
CA GLY E 12 5.79 4.10 -6.56
C GLY E 12 7.16 3.60 -6.13
N ASN E 13 8.23 4.34 -6.49
CA ASN E 13 9.58 3.83 -6.24
C ASN E 13 10.49 4.77 -5.48
N CYS E 14 10.15 6.05 -5.36
CA CYS E 14 11.04 7.02 -4.70
C CYS E 14 10.36 7.90 -3.65
N ALA E 15 9.04 7.90 -3.49
CA ALA E 15 8.40 8.79 -2.53
C ALA E 15 8.57 8.30 -1.09
N ALA E 16 8.84 7.02 -0.87
CA ALA E 16 9.03 6.57 0.51
C ALA E 16 10.22 7.26 1.17
N CYS E 17 11.23 7.60 0.37
CA CYS E 17 12.50 8.11 0.86
C CYS E 17 12.71 9.57 0.53
N HIS E 18 12.17 10.04 -0.60
CA HIS E 18 12.44 11.37 -1.13
C HIS E 18 11.18 12.23 -1.20
N MET E 19 10.10 11.85 -0.52
CA MET E 19 8.83 12.58 -0.62
C MET E 19 9.05 14.06 -0.38
N GLY E 20 8.53 14.89 -1.29
CA GLY E 20 8.72 16.33 -1.22
C GLY E 20 10.14 16.81 -1.45
N GLY E 21 10.94 16.02 -2.16
CA GLY E 21 12.32 16.37 -2.42
C GLY E 21 13.27 16.17 -1.26
N GLY E 22 12.82 15.54 -0.17
CA GLY E 22 13.68 15.29 0.97
C GLY E 22 14.53 14.04 0.81
N ASN E 23 14.99 13.52 1.95
CA ASN E 23 15.75 12.29 1.99
C ASN E 23 15.68 11.81 3.46
N VAL E 24 14.67 11.01 3.75
CA VAL E 24 14.42 10.56 5.12
C VAL E 24 15.56 9.72 5.69
N VAL E 25 16.47 9.25 4.85
CA VAL E 25 17.51 8.31 5.26
C VAL E 25 18.83 9.01 5.54
N MET E 26 19.32 9.86 4.62
CA MET E 26 20.51 10.68 4.87
C MET E 26 20.24 12.14 4.55
N ALA E 27 20.16 12.95 5.60
CA ALA E 27 19.45 14.22 5.57
C ALA E 27 20.07 15.26 4.64
N ASN E 28 21.37 15.22 4.43
CA ASN E 28 21.94 16.30 3.63
C ASN E 28 21.76 16.08 2.12
N LYS E 29 21.45 14.86 1.69
CA LYS E 29 21.43 14.53 0.26
C LYS E 29 19.99 14.49 -0.27
N THR E 30 19.36 15.64 -0.16
CA THR E 30 18.00 15.83 -0.66
C THR E 30 18.00 15.91 -2.18
N LEU E 31 16.79 15.94 -2.74
CA LEU E 31 16.56 16.20 -4.16
C LEU E 31 16.25 17.67 -4.46
N LYS E 32 16.48 18.58 -3.51
CA LYS E 32 16.31 20.00 -3.82
C LYS E 32 17.44 20.46 -4.76
N LYS E 33 17.12 21.44 -5.62
CA LYS E 33 18.09 21.92 -6.61
C LYS E 33 19.44 22.25 -5.97
N GLU E 34 19.44 22.98 -4.87
CA GLU E 34 20.68 23.42 -4.28
C GLU E 34 21.60 22.26 -3.91
N ALA E 35 21.04 21.16 -3.38
CA ALA E 35 21.86 20.01 -2.98
C ALA E 35 22.29 19.17 -4.18
N LEU E 36 21.45 19.07 -5.22
CA LEU E 36 21.82 18.28 -6.38
C LEU E 36 22.95 18.93 -7.16
N GLU E 37 22.99 20.27 -7.18
CA GLU E 37 24.13 20.93 -7.80
C GLU E 37 25.37 20.81 -6.94
N GLN E 38 25.23 20.93 -5.61
CA GLN E 38 26.39 20.83 -4.72
C GLN E 38 27.10 19.49 -4.90
N PHE E 39 26.33 18.42 -5.13
CA PHE E 39 26.84 17.05 -5.17
C PHE E 39 26.97 16.48 -6.57
N GLY E 40 26.79 17.30 -7.61
CA GLY E 40 27.06 16.84 -8.96
C GLY E 40 26.01 15.90 -9.50
N MET E 41 24.78 16.02 -9.00
CA MET E 41 23.69 15.14 -9.34
C MET E 41 22.61 15.85 -10.13
N TYR E 42 22.85 17.09 -10.52
CA TYR E 42 21.80 17.90 -11.14
C TYR E 42 21.94 17.84 -12.66
N SER E 43 21.77 16.62 -13.14
CA SER E 43 21.96 16.26 -14.54
C SER E 43 21.28 14.91 -14.71
N GLU E 44 20.61 14.69 -15.85
CA GLU E 44 19.84 13.47 -16.01
C GLU E 44 20.73 12.21 -16.10
N ASP E 45 21.94 12.34 -16.66
CA ASP E 45 22.85 11.19 -16.72
C ASP E 45 23.29 10.75 -15.31
N ALA E 46 23.51 11.70 -14.40
CA ALA E 46 23.89 11.34 -13.03
C ALA E 46 22.74 10.65 -12.30
N ILE E 47 21.52 11.10 -12.56
CA ILE E 47 20.36 10.57 -11.89
C ILE E 47 20.04 9.19 -12.45
N ILE E 48 20.05 9.07 -13.78
CA ILE E 48 19.87 7.78 -14.42
C ILE E 48 20.89 6.79 -13.89
N TYR E 49 22.14 7.24 -13.68
CA TYR E 49 23.17 6.29 -13.24
C TYR E 49 22.88 5.80 -11.81
N GLN E 50 22.66 6.73 -10.88
CA GLN E 50 22.44 6.33 -9.50
C GLN E 50 21.19 5.45 -9.35
N VAL E 51 20.11 5.77 -10.09
CA VAL E 51 18.89 4.95 -10.04
C VAL E 51 19.17 3.52 -10.53
N GLN E 52 19.79 3.37 -11.70
CA GLN E 52 20.11 2.03 -12.22
C GLN E 52 21.00 1.24 -11.27
N HIS E 53 22.05 1.87 -10.77
CA HIS E 53 23.17 1.22 -10.10
C HIS E 53 23.00 1.14 -8.59
N GLY E 54 22.25 2.06 -8.00
CA GLY E 54 22.27 2.23 -6.56
C GLY E 54 23.47 3.05 -6.12
N LYS E 55 23.44 3.45 -4.86
CA LYS E 55 24.58 4.12 -4.23
C LYS E 55 24.36 4.03 -2.73
N ASN E 56 25.07 3.09 -2.08
CA ASN E 56 25.05 2.95 -0.62
C ASN E 56 23.67 2.58 -0.11
N ALA E 57 23.13 3.38 0.80
CA ALA E 57 21.80 3.09 1.31
C ALA E 57 20.75 3.09 0.21
N MET E 58 20.97 3.85 -0.89
CA MET E 58 19.94 3.93 -1.94
C MET E 58 19.98 2.75 -2.87
N PRO E 59 18.91 1.96 -3.02
CA PRO E 59 18.95 0.74 -3.82
C PRO E 59 19.00 0.97 -5.33
N ALA E 60 19.59 -0.02 -6.00
CA ALA E 60 19.53 -0.14 -7.45
C ALA E 60 18.14 -0.52 -7.93
N PHE E 61 17.79 0.02 -9.10
CA PHE E 61 16.53 -0.26 -9.76
C PHE E 61 16.69 -0.88 -11.14
N ALA E 62 17.93 -1.07 -11.61
CA ALA E 62 18.17 -1.64 -12.94
C ALA E 62 17.41 -2.95 -13.19
N GLY E 63 17.21 -3.77 -12.16
CA GLY E 63 16.50 -5.03 -12.35
C GLY E 63 14.99 -5.00 -12.21
N ARG E 64 14.41 -3.93 -11.69
CA ARG E 64 12.98 -3.87 -11.41
C ARG E 64 12.22 -2.85 -12.24
N LEU E 65 12.91 -1.85 -12.81
CA LEU E 65 12.32 -0.80 -13.62
C LEU E 65 12.86 -0.90 -15.03
N THR E 66 12.06 -0.47 -16.00
CA THR E 66 12.49 -0.41 -17.39
C THR E 66 13.38 0.80 -17.59
N ASP E 67 14.20 0.75 -18.65
CA ASP E 67 15.03 1.92 -18.95
C ASP E 67 14.16 3.15 -19.25
N GLU E 68 12.97 2.97 -19.89
CA GLU E 68 12.14 4.15 -20.15
C GLU E 68 11.50 4.72 -18.88
N GLN E 69 11.09 3.85 -17.93
CA GLN E 69 10.67 4.29 -16.61
C GLN E 69 11.74 5.16 -15.92
N ILE E 70 13.01 4.71 -15.97
CA ILE E 70 14.08 5.37 -15.23
C ILE E 70 14.48 6.69 -15.89
N GLN E 71 14.40 6.78 -17.23
CA GLN E 71 14.59 8.09 -17.86
C GLN E 71 13.47 9.05 -17.48
N ASP E 72 12.23 8.56 -17.50
CA ASP E 72 11.08 9.43 -17.22
C ASP E 72 11.12 9.97 -15.79
N VAL E 73 11.51 9.14 -14.81
CA VAL E 73 11.60 9.63 -13.43
C VAL E 73 12.81 10.52 -13.26
N ALA E 74 13.88 10.33 -14.05
CA ALA E 74 15.00 11.28 -14.03
C ALA E 74 14.56 12.65 -14.52
N ALA E 75 13.71 12.69 -15.56
CA ALA E 75 13.11 13.93 -16.02
C ALA E 75 12.26 14.57 -14.93
N TYR E 76 11.32 13.80 -14.38
CA TYR E 76 10.46 14.30 -13.32
C TYR E 76 11.27 14.89 -12.18
N VAL E 77 12.37 14.24 -11.78
CA VAL E 77 13.12 14.74 -10.64
C VAL E 77 13.78 16.08 -10.95
N LEU E 78 14.52 16.13 -12.06
CA LEU E 78 15.14 17.39 -12.47
C LEU E 78 14.10 18.49 -12.58
N ASP E 79 12.91 18.14 -13.12
CA ASP E 79 11.89 19.16 -13.35
C ASP E 79 11.28 19.65 -12.04
N GLN E 80 11.14 18.77 -11.05
CA GLN E 80 10.55 19.20 -9.79
C GLN E 80 11.51 20.07 -9.02
N ALA E 81 12.81 19.74 -9.08
CA ALA E 81 13.82 20.52 -8.40
C ALA E 81 14.02 21.86 -9.06
N ALA E 82 13.89 21.90 -10.39
CA ALA E 82 13.84 23.18 -11.08
C ALA E 82 12.76 24.07 -10.47
N LYS E 83 11.58 23.52 -10.16
CA LYS E 83 10.49 24.32 -9.61
C LYS E 83 10.29 24.14 -8.09
N GLY E 84 11.32 23.71 -7.35
CA GLY E 84 11.32 23.82 -5.88
C GLY E 84 10.40 22.90 -5.08
N TRP E 85 9.81 21.87 -5.71
CA TRP E 85 8.94 20.92 -5.01
C TRP E 85 7.88 21.67 -4.20
N ALA F 1 -25.40 12.26 -1.00
CA ALA F 1 -24.19 11.38 -1.11
C ALA F 1 -23.04 11.93 -0.22
N ASP F 2 -22.30 11.00 0.42
CA ASP F 2 -21.18 11.37 1.29
C ASP F 2 -19.96 11.63 0.41
N LEU F 3 -19.61 12.91 0.21
CA LEU F 3 -18.48 13.19 -0.67
C LEU F 3 -17.16 12.86 0.01
N ALA F 4 -17.13 12.92 1.33
CA ALA F 4 -15.91 12.56 2.05
C ALA F 4 -15.63 11.08 1.90
N ASN F 5 -16.66 10.24 2.07
CA ASN F 5 -16.48 8.82 1.80
C ASN F 5 -16.22 8.57 0.32
N GLY F 6 -16.86 9.35 -0.55
CA GLY F 6 -16.67 9.21 -1.99
C GLY F 6 -15.25 9.46 -2.38
N ALA F 7 -14.59 10.39 -1.66
CA ALA F 7 -13.17 10.65 -1.89
C ALA F 7 -12.29 9.50 -1.41
N LYS F 8 -12.69 8.84 -0.31
CA LYS F 8 -11.89 7.75 0.22
C LYS F 8 -12.00 6.52 -0.67
N VAL F 9 -13.21 6.25 -1.18
CA VAL F 9 -13.39 5.23 -2.21
C VAL F 9 -12.56 5.56 -3.44
N PHE F 10 -12.50 6.85 -3.81
CA PHE F 10 -11.76 7.16 -5.01
C PHE F 10 -10.29 6.90 -4.79
N SER F 11 -9.78 7.35 -3.66
CA SER F 11 -8.38 7.12 -3.35
C SER F 11 -8.02 5.65 -3.43
N GLY F 12 -8.84 4.79 -2.81
CA GLY F 12 -8.48 3.40 -2.71
C GLY F 12 -8.67 2.57 -3.96
N ASN F 13 -9.53 3.02 -4.89
CA ASN F 13 -9.93 2.12 -5.98
C ASN F 13 -9.75 2.72 -7.35
N CYS F 14 -9.60 3.99 -7.44
CA CYS F 14 -9.70 4.71 -8.69
C CYS F 14 -8.47 5.55 -9.00
N ALA F 15 -7.76 6.04 -7.99
CA ALA F 15 -6.73 7.06 -8.23
C ALA F 15 -5.48 6.46 -8.84
N ALA F 16 -5.27 5.15 -8.67
CA ALA F 16 -4.16 4.51 -9.38
C ALA F 16 -4.24 4.76 -10.90
N CYS F 17 -5.44 4.99 -11.43
CA CYS F 17 -5.64 5.20 -12.86
C CYS F 17 -6.13 6.60 -13.20
N HIS F 18 -6.96 7.22 -12.34
CA HIS F 18 -7.58 8.51 -12.61
C HIS F 18 -7.11 9.60 -11.63
N MET F 19 -5.88 9.52 -11.13
CA MET F 19 -5.42 10.58 -10.25
C MET F 19 -5.49 11.89 -11.01
N GLY F 20 -5.95 12.95 -10.31
CA GLY F 20 -6.12 14.24 -10.95
C GLY F 20 -7.19 14.30 -12.01
N GLY F 21 -8.01 13.26 -12.13
CA GLY F 21 -9.02 13.23 -13.17
C GLY F 21 -8.53 12.81 -14.52
N GLY F 22 -7.33 12.23 -14.60
CA GLY F 22 -6.75 11.78 -15.86
C GLY F 22 -7.09 10.34 -16.13
N ASN F 23 -6.29 9.71 -16.99
CA ASN F 23 -6.47 8.29 -17.29
C ASN F 23 -5.13 7.81 -17.87
N VAL F 24 -4.33 7.15 -17.04
CA VAL F 24 -3.00 6.70 -17.43
C VAL F 24 -3.04 5.61 -18.49
N VAL F 25 -4.18 5.02 -18.76
CA VAL F 25 -4.30 3.86 -19.64
C VAL F 25 -4.91 4.21 -20.99
N MET F 26 -5.87 5.13 -21.04
CA MET F 26 -6.41 5.65 -22.31
C MET F 26 -6.49 7.15 -22.18
N ALA F 27 -5.47 7.84 -22.72
CA ALA F 27 -5.30 9.27 -22.49
C ALA F 27 -6.54 10.08 -22.83
N ASN F 28 -7.36 9.60 -23.76
CA ASN F 28 -8.48 10.43 -24.19
C ASN F 28 -9.67 10.35 -23.22
N LYS F 29 -9.83 9.25 -22.49
CA LYS F 29 -11.06 9.05 -21.72
C LYS F 29 -10.83 9.35 -20.24
N THR F 30 -10.57 10.63 -19.98
CA THR F 30 -10.32 11.15 -18.65
C THR F 30 -11.64 11.35 -17.91
N LEU F 31 -11.54 11.78 -16.64
CA LEU F 31 -12.73 12.18 -15.88
C LEU F 31 -12.92 13.69 -15.88
N LYS F 32 -12.16 14.41 -16.71
CA LYS F 32 -12.42 15.82 -16.95
C LYS F 32 -13.82 15.99 -17.53
N LYS F 33 -14.49 17.07 -17.10
CA LYS F 33 -15.87 17.30 -17.52
C LYS F 33 -16.00 17.22 -19.03
N GLU F 34 -15.05 17.86 -19.74
CA GLU F 34 -15.08 17.99 -21.20
C GLU F 34 -15.02 16.63 -21.90
N ALA F 35 -14.31 15.67 -21.34
CA ALA F 35 -14.31 14.33 -21.92
C ALA F 35 -15.57 13.57 -21.56
N LEU F 36 -16.07 13.76 -20.35
CA LEU F 36 -17.20 12.95 -19.92
C LEU F 36 -18.41 13.28 -20.76
N GLU F 37 -18.60 14.57 -21.05
CA GLU F 37 -19.76 14.98 -21.86
C GLU F 37 -19.70 14.37 -23.25
N GLN F 38 -18.52 14.33 -23.87
CA GLN F 38 -18.44 13.76 -25.22
C GLN F 38 -18.74 12.26 -25.22
N PHE F 39 -18.68 11.60 -24.07
CA PHE F 39 -18.87 10.16 -24.00
C PHE F 39 -20.17 9.82 -23.30
N GLY F 40 -20.90 10.85 -22.88
CA GLY F 40 -22.18 10.65 -22.21
C GLY F 40 -22.07 10.11 -20.81
N MET F 41 -21.00 10.45 -20.10
CA MET F 41 -20.78 10.00 -18.73
C MET F 41 -20.84 11.15 -17.75
N TYR F 42 -21.28 12.34 -18.16
CA TYR F 42 -21.47 13.43 -17.19
C TYR F 42 -22.80 13.31 -16.46
N SER F 43 -23.07 12.15 -15.83
CA SER F 43 -24.28 11.89 -15.06
C SER F 43 -24.03 10.78 -14.03
N GLU F 44 -24.65 10.93 -12.86
CA GLU F 44 -24.40 10.01 -11.76
C GLU F 44 -24.70 8.57 -12.17
N ASP F 45 -25.82 8.35 -12.84
CA ASP F 45 -26.17 6.99 -13.25
C ASP F 45 -25.15 6.42 -14.24
N ALA F 46 -24.67 7.27 -15.16
CA ALA F 46 -23.70 6.81 -16.15
C ALA F 46 -22.45 6.28 -15.47
N ILE F 47 -21.90 7.06 -14.53
CA ILE F 47 -20.71 6.68 -13.78
C ILE F 47 -20.98 5.44 -12.92
N ILE F 48 -22.12 5.39 -12.22
CA ILE F 48 -22.43 4.18 -11.46
C ILE F 48 -22.42 2.96 -12.37
N TYR F 49 -23.08 3.04 -13.52
CA TYR F 49 -23.10 1.88 -14.41
C TYR F 49 -21.68 1.42 -14.77
N GLN F 50 -20.79 2.35 -15.14
CA GLN F 50 -19.46 1.91 -15.58
C GLN F 50 -18.59 1.41 -14.42
N VAL F 51 -18.71 2.01 -13.24
CA VAL F 51 -18.03 1.47 -12.06
C VAL F 51 -18.49 0.05 -11.82
N GLN F 52 -19.80 -0.22 -11.96
CA GLN F 52 -20.33 -1.53 -11.63
C GLN F 52 -19.91 -2.58 -12.64
N HIS F 53 -19.98 -2.28 -13.92
CA HIS F 53 -19.76 -3.33 -14.91
C HIS F 53 -18.37 -3.29 -15.51
N GLY F 54 -17.62 -2.19 -15.36
CA GLY F 54 -16.33 -2.06 -16.00
C GLY F 54 -16.48 -1.75 -17.49
N LYS F 55 -15.33 -1.57 -18.14
CA LYS F 55 -15.30 -1.34 -19.58
C LYS F 55 -13.92 -1.65 -20.09
N ASN F 56 -13.80 -2.69 -20.92
CA ASN F 56 -12.50 -3.08 -21.46
C ASN F 56 -11.46 -3.15 -20.34
N ALA F 57 -10.40 -2.36 -20.44
CA ALA F 57 -9.32 -2.44 -19.47
C ALA F 57 -9.77 -2.01 -18.06
N MET F 58 -10.73 -1.08 -17.95
CA MET F 58 -11.17 -0.65 -16.63
C MET F 58 -11.90 -1.80 -15.93
N PRO F 59 -11.45 -2.23 -14.75
CA PRO F 59 -12.11 -3.33 -14.06
C PRO F 59 -13.52 -3.01 -13.59
N ALA F 60 -14.32 -4.06 -13.43
CA ALA F 60 -15.62 -3.97 -12.76
C ALA F 60 -15.50 -3.97 -11.22
N PHE F 61 -16.36 -3.18 -10.55
CA PHE F 61 -16.32 -3.03 -9.10
C PHE F 61 -17.58 -3.49 -8.37
N ALA F 62 -18.58 -4.03 -9.08
CA ALA F 62 -19.84 -4.40 -8.44
C ALA F 62 -19.68 -5.51 -7.40
N GLY F 63 -18.69 -6.38 -7.56
CA GLY F 63 -18.38 -7.42 -6.60
C GLY F 63 -17.47 -7.03 -5.47
N ARG F 64 -16.81 -5.87 -5.57
CA ARG F 64 -15.82 -5.47 -4.58
C ARG F 64 -16.19 -4.23 -3.77
N LEU F 65 -17.16 -3.47 -4.20
CA LEU F 65 -17.60 -2.30 -3.46
C LEU F 65 -19.08 -2.42 -3.17
N THR F 66 -19.51 -1.82 -2.07
CA THR F 66 -20.93 -1.80 -1.76
C THR F 66 -21.65 -0.76 -2.63
N ASP F 67 -22.97 -0.92 -2.76
CA ASP F 67 -23.78 0.05 -3.50
C ASP F 67 -23.54 1.48 -3.03
N GLU F 68 -23.48 1.69 -1.71
CA GLU F 68 -23.25 3.02 -1.17
C GLU F 68 -21.86 3.54 -1.51
N GLN F 69 -20.86 2.67 -1.57
CA GLN F 69 -19.53 3.13 -1.98
C GLN F 69 -19.53 3.58 -3.44
N ILE F 70 -20.25 2.86 -4.31
CA ILE F 70 -20.31 3.19 -5.73
C ILE F 70 -21.11 4.47 -5.96
N GLN F 71 -22.21 4.66 -5.21
CA GLN F 71 -22.94 5.92 -5.30
C GLN F 71 -22.07 7.08 -4.84
N ASP F 72 -21.34 6.89 -3.74
CA ASP F 72 -20.50 7.96 -3.20
C ASP F 72 -19.35 8.35 -4.13
N VAL F 73 -18.70 7.37 -4.74
CA VAL F 73 -17.60 7.70 -5.65
C VAL F 73 -18.13 8.34 -6.92
N ALA F 74 -19.26 7.85 -7.45
CA ALA F 74 -19.89 8.48 -8.61
C ALA F 74 -20.12 9.97 -8.35
N ALA F 75 -20.67 10.30 -7.17
CA ALA F 75 -21.01 11.69 -6.84
C ALA F 75 -19.76 12.55 -6.63
N TYR F 76 -18.67 11.92 -6.20
CA TYR F 76 -17.42 12.65 -5.95
C TYR F 76 -16.77 13.04 -7.25
N VAL F 77 -16.85 12.14 -8.24
CA VAL F 77 -16.27 12.37 -9.56
C VAL F 77 -17.02 13.49 -10.26
N LEU F 78 -18.35 13.46 -10.20
CA LEU F 78 -19.15 14.53 -10.78
C LEU F 78 -18.80 15.85 -10.14
N ASP F 79 -18.77 15.88 -8.81
CA ASP F 79 -18.45 17.11 -8.10
C ASP F 79 -17.07 17.65 -8.50
N GLN F 80 -16.08 16.76 -8.56
CA GLN F 80 -14.75 17.18 -8.93
C GLN F 80 -14.71 17.63 -10.39
N ALA F 81 -15.45 16.95 -11.28
CA ALA F 81 -15.35 17.29 -12.70
C ALA F 81 -15.91 18.69 -12.96
N ALA F 82 -17.01 19.03 -12.30
CA ALA F 82 -17.52 20.39 -12.27
C ALA F 82 -16.54 21.38 -11.64
N LYS F 83 -15.60 20.93 -10.79
CA LYS F 83 -14.62 21.82 -10.15
C LYS F 83 -13.27 21.86 -10.89
N GLY F 84 -13.17 21.19 -12.05
CA GLY F 84 -11.93 21.15 -12.81
C GLY F 84 -10.84 20.30 -12.21
N TRP F 85 -11.14 19.55 -11.15
CA TRP F 85 -10.17 18.72 -10.46
C TRP F 85 -9.04 19.60 -9.90
N ALA F 86 -9.44 20.52 -9.04
CA ALA F 86 -8.47 21.45 -8.44
C ALA F 86 -7.34 20.73 -7.68
FE HEC G . -11.67 -5.09 9.58
CHA HEC G . -9.68 -5.56 6.78
CHB HEC G . -12.93 -8.22 9.27
CHC HEC G . -13.02 -4.85 12.78
CHD HEC G . -10.88 -1.87 9.61
NA HEC G . -11.35 -6.62 8.31
C1A HEC G . -10.50 -6.58 7.19
C2A HEC G . -10.64 -7.85 6.49
C3A HEC G . -11.53 -8.59 7.15
C4A HEC G . -11.99 -7.84 8.32
CMA HEC G . -11.90 -9.99 6.69
CAA HEC G . -9.93 -8.28 5.20
CBA HEC G . -10.64 -7.48 4.09
CGA HEC G . -10.07 -7.78 2.72
O1A HEC G . -10.79 -7.51 1.73
O2A HEC G . -8.95 -8.35 2.57
NB HEC G . -12.80 -6.29 10.83
C1B HEC G . -13.22 -7.55 10.46
C2B HEC G . -13.98 -8.11 11.56
C3B HEC G . -14.04 -7.18 12.53
C4B HEC G . -13.27 -6.03 12.09
CMB HEC G . -14.62 -9.51 11.50
CAB HEC G . -14.71 -7.27 13.92
CBB HEC G . -14.22 -8.23 14.76
NC HEC G . -11.84 -3.65 10.97
C1C HEC G . -12.54 -3.70 12.18
C2C HEC G . -12.74 -2.33 12.67
C3C HEC G . -12.25 -1.54 11.76
C4C HEC G . -11.60 -2.31 10.71
CMC HEC G . -13.52 -1.94 13.93
CAC HEC G . -12.15 -0.03 11.95
CBC HEC G . -11.63 0.60 13.03
ND HEC G . -10.51 -3.91 8.35
C1D HEC G . -10.22 -2.61 8.66
C2D HEC G . -9.11 -2.17 7.78
C3D HEC G . -8.78 -3.21 7.02
C4D HEC G . -9.67 -4.32 7.35
CMD HEC G . -8.43 -0.76 7.78
CAD HEC G . -7.67 -3.24 5.98
CBD HEC G . -6.37 -3.41 6.72
CGD HEC G . -5.19 -3.51 5.79
O1D HEC G . -5.01 -4.55 5.05
O2D HEC G . -4.37 -2.54 5.77
FE HEC H . 14.20 -3.72 5.96
CHA HEC H . 10.79 -4.34 5.75
CHB HEC H . 14.62 -6.49 7.92
CHC HEC H . 17.67 -3.55 5.51
CHD HEC H . 13.86 -0.71 4.73
NA HEC H . 12.89 -5.18 6.73
C1A HEC H . 11.53 -5.25 6.51
C2A HEC H . 11.03 -6.44 7.20
C3A HEC H . 12.07 -7.01 7.79
C4A HEC H . 13.30 -6.24 7.49
CMA HEC H . 12.02 -8.29 8.65
CAA HEC H . 9.53 -6.85 7.27
CBA HEC H . 8.89 -5.75 8.15
CGA HEC H . 7.49 -6.03 8.67
O1A HEC H . 7.08 -5.49 9.72
O2A HEC H . 6.79 -6.81 8.05
NB HEC H . 15.89 -4.81 6.62
C1B HEC H . 15.81 -5.95 7.43
C2B HEC H . 17.16 -6.44 7.64
C3B HEC H . 18.00 -5.61 6.98
C4B HEC H . 17.22 -4.59 6.31
CMB HEC H . 17.53 -7.66 8.52
CAB HEC H . 19.55 -5.73 6.88
CBB HEC H . 20.01 -6.93 6.44
NC HEC H . 15.57 -2.35 5.19
C1C HEC H . 16.93 -2.42 5.20
C2C HEC H . 17.41 -1.10 4.81
C3C HEC H . 16.35 -0.29 4.61
C4C HEC H . 15.17 -1.09 4.85
CMC HEC H . 18.89 -0.74 4.72
CAC HEC H . 16.33 1.21 4.18
CBC HEC H . 16.99 1.63 3.06
ND HEC H . 12.60 -2.70 5.36
C1D HEC H . 12.72 -1.48 4.75
C2D HEC H . 11.43 -1.15 4.18
C3D HEC H . 10.59 -2.16 4.45
C4D HEC H . 11.29 -3.15 5.23
CMD HEC H . 11.11 0.15 3.42
CAD HEC H . 9.11 -2.26 4.05
CBD HEC H . 9.01 -3.07 2.77
CGD HEC H . 7.56 -3.07 2.31
O1D HEC H . 6.71 -3.67 2.99
O2D HEC H . 7.24 -2.47 1.26
FE HEC I . -1.42 -6.95 -14.75
CHA HEC I . 0.20 -6.80 -11.56
CHB HEC I . 0.03 -9.91 -15.28
CHC HEC I . -3.36 -7.22 -17.53
CHD HEC I . -2.33 -3.68 -14.37
NA HEC I . -0.11 -8.15 -13.58
C1A HEC I . 0.49 -7.90 -12.35
C2A HEC I . 1.40 -9.02 -12.07
C3A HEC I . 1.37 -9.86 -13.11
C4A HEC I . 0.39 -9.33 -14.06
CMA HEC I . 2.16 -11.17 -13.31
CAA HEC I . 2.31 -9.13 -10.81
CBA HEC I . 3.44 -8.10 -11.04
CGA HEC I . 4.41 -8.05 -9.90
O1A HEC I . 5.55 -7.52 -10.06
O2A HEC I . 4.00 -8.53 -8.83
NB HEC I . -1.64 -8.28 -16.14
C1B HEC I . -0.95 -9.48 -16.18
C2B HEC I . -1.47 -10.25 -17.29
C3B HEC I . -2.40 -9.52 -17.91
C4B HEC I . -2.54 -8.26 -17.20
CMB HEC I . -0.97 -11.66 -17.69
CAB HEC I . -3.25 -9.95 -19.12
CBB HEC I . -4.02 -11.04 -18.89
NC HEC I . -2.56 -5.67 -15.83
C1C HEC I . -3.38 -6.01 -16.89
C2C HEC I . -4.24 -4.88 -17.16
C3C HEC I . -3.97 -3.91 -16.26
C4C HEC I . -2.90 -4.38 -15.42
CMC HEC I . -5.30 -4.85 -18.28
CAC HEC I . -4.63 -2.51 -16.08
CBC HEC I . -5.66 -2.09 -16.83
ND HEC I . -1.06 -5.48 -13.26
C1D HEC I . -1.68 -4.24 -13.28
C2D HEC I . -1.54 -3.68 -11.94
C3D HEC I . -0.86 -4.54 -11.17
C4D HEC I . -0.54 -5.69 -11.98
CMD HEC I . -2.14 -2.32 -11.52
CAD HEC I . -0.52 -4.35 -9.67
CBD HEC I . -1.74 -4.70 -8.81
CGD HEC I . -1.48 -4.71 -7.31
O1D HEC I . -0.72 -5.58 -6.79
O2D HEC I . -2.07 -3.85 -6.56
FE HEC J . -6.79 7.72 16.64
CHA HEC J . -8.91 8.98 18.88
CHB HEC J . -4.37 9.99 17.51
CHC HEC J . -4.43 5.97 14.79
CHD HEC J . -9.31 6.00 15.03
NA HEC J . -6.67 9.25 17.94
C1A HEC J . -7.68 9.61 18.79
C2A HEC J . -7.20 10.75 19.56
C3A HEC J . -5.94 11.03 19.17
C4A HEC J . -5.58 10.06 18.15
CMA HEC J . -5.02 12.14 19.71
CAA HEC J . -8.01 11.54 20.62
CBA HEC J . -9.03 12.35 19.81
CGA HEC J . -9.87 13.28 20.65
O1A HEC J . -10.56 14.18 20.09
O2A HEC J . -9.86 13.12 21.89
NB HEC J . -4.73 7.96 16.22
C1B HEC J . -3.93 8.96 16.71
C2B HEC J . -2.58 8.77 16.21
C3B HEC J . -2.62 7.66 15.45
C4B HEC J . -3.98 7.12 15.45
CMB HEC J . -1.34 9.70 16.50
CAB HEC J . -1.45 6.98 14.74
CBB HEC J . -0.50 6.47 15.55
NC HEC J . -6.85 6.22 15.17
C1C HEC J . -5.78 5.71 14.49
C2C HEC J . -6.32 4.82 13.47
C3C HEC J . -7.67 4.86 13.55
C4C HEC J . -8.02 5.73 14.62
CMC HEC J . -5.47 3.98 12.45
CAC HEC J . -8.75 4.13 12.69
CBC HEC J . -8.63 2.82 12.56
ND HEC J . -8.77 7.55 16.88
C1D HEC J . -9.61 6.69 16.19
C2D HEC J . -10.87 6.65 16.91
C3D HEC J . -10.75 7.48 17.98
C4D HEC J . -9.44 8.06 17.98
CMD HEC J . -12.10 5.80 16.50
CAD HEC J . -11.83 7.76 19.04
CBD HEC J . -11.57 6.82 20.24
CGD HEC J . -12.80 6.78 21.13
O1D HEC J . -13.00 7.73 21.96
O2D HEC J . -13.59 5.80 20.97
FE HEC K . 17.44 8.11 -3.75
CHA HEC K . 20.22 9.97 -3.21
CHB HEC K . 16.83 9.95 -6.67
CHC HEC K . 14.92 6.10 -4.52
CHD HEC K . 17.49 6.88 -0.52
NA HEC K . 18.33 9.67 -4.78
C1A HEC K . 19.53 10.27 -4.36
C2A HEC K . 19.89 11.28 -5.36
C3A HEC K . 18.94 11.28 -6.33
C4A HEC K . 17.94 10.26 -5.97
CMA HEC K . 18.90 12.16 -7.61
CAA HEC K . 21.13 12.20 -5.28
CBA HEC K . 20.85 13.18 -4.13
CGA HEC K . 21.98 14.18 -3.87
O1A HEC K . 23.18 13.84 -4.10
O2A HEC K . 21.68 15.33 -3.40
NB HEC K . 16.13 8.10 -5.26
C1B HEC K . 16.08 8.84 -6.43
C2B HEC K . 15.14 8.24 -7.34
C3B HEC K . 14.64 7.16 -6.71
C4B HEC K . 15.23 7.07 -5.41
CMB HEC K . 14.75 8.71 -8.74
CAB HEC K . 13.42 6.25 -7.23
CBB HEC K . 13.65 5.77 -8.51
NC HEC K . 16.39 6.72 -2.68
C1C HEC K . 15.35 6.01 -3.23
C2C HEC K . 14.83 5.13 -2.20
C3C HEC K . 15.53 5.31 -1.06
C4C HEC K . 16.54 6.33 -1.35
CMC HEC K . 13.69 4.09 -2.35
CAC HEC K . 15.19 4.54 0.25
CBC HEC K . 16.14 4.06 1.04
ND HEC K . 18.58 8.41 -2.15
C1D HEC K . 18.54 7.68 -0.97
C2D HEC K . 19.80 7.93 -0.29
C3D HEC K . 20.54 8.79 -1.03
C4D HEC K . 19.78 9.13 -2.21
CMD HEC K . 20.20 7.30 1.07
CAD HEC K . 21.96 9.33 -0.76
CBD HEC K . 22.94 8.15 -0.80
CGD HEC K . 24.39 8.61 -0.81
O1D HEC K . 24.76 9.48 -1.66
O2D HEC K . 25.19 8.10 0.04
S SO4 L . 14.47 -2.93 -20.04
O1 SO4 L . 13.95 -3.40 -18.74
O2 SO4 L . 14.00 -1.57 -20.28
O3 SO4 L . 15.94 -2.92 -20.03
O4 SO4 L . 13.94 -3.80 -21.10
FE HEC M . -12.03 4.22 -14.90
CHA HEC M . -13.04 5.09 -18.07
CHB HEC M . -14.51 6.04 -13.52
CHC HEC M . -11.35 2.74 -11.89
CHD HEC M . -9.21 2.68 -16.22
NA HEC M . -13.56 5.33 -15.67
C1A HEC M . -13.75 5.65 -17.02
C2A HEC M . -14.81 6.64 -17.11
C3A HEC M . -15.18 6.89 -15.82
C4A HEC M . -14.42 6.06 -14.90
CMA HEC M . -16.27 7.88 -15.34
CAA HEC M . -15.34 7.30 -18.42
CBA HEC M . -14.30 8.31 -18.96
CGA HEC M . -14.71 9.18 -20.16
O1A HEC M . -14.11 10.28 -20.37
O2A HEC M . -15.65 8.82 -20.93
NB HEC M . -12.78 4.35 -13.06
C1B HEC M . -13.79 5.22 -12.67
C2B HEC M . -13.94 5.09 -11.24
C3B HEC M . -13.06 4.19 -10.79
C4B HEC M . -12.33 3.70 -11.93
CMB HEC M . -14.91 5.89 -10.31
CAB HEC M . -12.88 3.74 -9.32
CBB HEC M . -13.93 3.11 -8.81
NC HEC M . -10.56 2.88 -14.21
C1C HEC M . -10.42 2.53 -12.87
C2C HEC M . -9.14 1.88 -12.69
C3C HEC M . -8.53 1.88 -13.90
C4C HEC M . -9.43 2.49 -14.86
CMC HEC M . -8.64 1.32 -11.33
CAC HEC M . -7.13 1.30 -14.26
CBC HEC M . -6.78 0.06 -13.93
ND HEC M . -11.25 3.99 -16.77
C1D HEC M . -10.14 3.21 -17.11
C2D HEC M . -10.10 3.04 -18.57
C3D HEC M . -11.17 3.70 -19.06
C4D HEC M . -11.90 4.33 -17.96
CMD HEC M . -9.07 2.23 -19.43
CAD HEC M . -11.52 3.75 -20.54
CBD HEC M . -12.45 2.58 -20.68
CGD HEC M . -12.65 2.32 -22.14
O1D HEC M . -13.57 2.92 -22.75
O2D HEC M . -11.85 1.49 -22.65
#